data_6KFJ
#
_entry.id   6KFJ
#
loop_
_entity.id
_entity.type
_entity.pdbx_description
1 polymer 'G-quadruplex DNA wtTel26'
2 non-polymer "4,4',4''-(nitrilotris(benzene-4,1-diyl))tris(1-ethylpyridin-1-ium) iodide"
#
_entity_poly.entity_id   1
_entity_poly.type   'polydeoxyribonucleotide'
_entity_poly.pdbx_seq_one_letter_code
;(DT)(DT)(DA)(DG)(DG)(DG)(DT)(DT)(DA)(DG)(DG)(DG)(DT)(DT)(DA)(DG)(DG)(DG)(DT)(DT)
(DA)(DG)(DG)(DG)(DT)(DT)
;
_entity_poly.pdbx_strand_id   A
#
loop_
_chem_comp.id
_chem_comp.type
_chem_comp.name
_chem_comp.formula
D6F non-polymer '4,4',4''-(nitrilotris(benzene-4,1-diyl))tris(1-ethylpyridin-1-ium) iodide' 'C39 H39 N4 3'
DA DNA linking 2'-DEOXYADENOSINE-5'-MONOPHOSPHATE 'C10 H14 N5 O6 P'
DG DNA linking 2'-DEOXYGUANOSINE-5'-MONOPHOSPHATE 'C10 H14 N5 O7 P'
DT DNA linking THYMIDINE-5'-MONOPHOSPHATE 'C10 H15 N2 O8 P'
#
# COMPACT_ATOMS: atom_id res chain seq x y z
C41 D6F B . 1.78 9.60 -2.05
C39 D6F B . 1.46 8.66 -3.22
N30 D6F B . 1.22 7.29 -2.73
C31 D6F B . 2.30 6.39 -2.60
C32 D6F B . 2.07 5.10 -2.13
C29 D6F B . -0.07 6.88 -2.38
C28 D6F B . -0.29 5.59 -1.92
C22 D6F B . 0.78 4.70 -1.80
C12 D6F B . 0.55 3.40 -1.34
C13 D6F B . -0.16 3.19 -0.16
C14 D6F B . -0.38 1.90 0.31
C11 D6F B . 1.04 2.31 -2.06
C10 D6F B . 0.81 1.01 -1.59
C4 D6F B . 0.11 0.81 -0.41
N1 D6F B . -0.11 -0.43 0.03
C3 D6F B . -1.38 -0.87 0.02
C9 D6F B . -2.03 -1.15 1.22
C8 D6F B . -3.35 -1.61 1.19
C5 D6F B . -2.02 -1.06 -1.20
C6 D6F B . -3.34 -1.52 -1.23
C7 D6F B . -4.01 -1.80 -0.02
C20 D6F B . -5.32 -2.26 -0.05
C27 D6F B . -6.29 -1.56 -0.76
C26 D6F B . -7.60 -2.02 -0.79
C23 D6F B . -5.66 -3.41 0.66
C24 D6F B . -6.97 -3.88 0.64
N25 D6F B . -7.95 -3.18 -0.08
C40 D6F B . -9.34 -3.67 -0.10
C43 D6F B . -9.56 -4.62 -1.28
C2 D6F B . 0.90 -1.10 0.58
C19 D6F B . 1.53 -0.61 1.71
C18 D6F B . 2.59 -1.30 2.29
C15 D6F B . 1.31 -2.32 0.03
C16 D6F B . 2.36 -3.02 0.60
C17 D6F B . 3.01 -2.52 1.74
C21 D6F B . 4.06 -3.23 2.31
C37 D6F B . 3.86 -4.51 2.79
C36 D6F B . 4.90 -5.23 3.37
C33 D6F B . 5.31 -2.63 2.40
C34 D6F B . 6.37 -3.33 2.97
N35 D6F B . 6.17 -4.64 3.46
C38 D6F B . 7.30 -5.38 4.07
C42 D6F B . 8.04 -6.18 2.99
H41 D6F B . 1.53 10.62 -2.31
H9O D6F B . 2.85 9.54 -1.82
H9P D6F B . 1.22 9.29 -1.17
H39 D6F B . 2.30 8.68 -3.91
H9M D6F B . 0.58 9.04 -3.73
H31 D6F B . 3.30 6.71 -2.86
H32 D6F B . 2.90 4.40 -2.04
H29 D6F B . -0.90 7.58 -2.48
H28 D6F B . -1.29 5.27 -1.65
H13 D6F B . -0.54 4.05 0.40
H14 D6F B . -0.95 1.74 1.22
H11 D6F B . 1.60 2.47 -2.98
H10 D6F B . 1.20 0.16 -2.15
H9 D6F B . -1.52 -1.01 2.16
H8 D6F B . -3.86 -1.83 2.13
H5 D6F B . -1.52 -0.84 -2.14
H6 D6F B . -3.86 -1.66 -2.17
H27 D6F B . -6.01 -0.67 -1.31
H26 D6F B . -8.36 -1.48 -1.35
H23 D6F B . -4.90 -3.96 1.22
H24 D6F B . -7.24 -4.78 1.19
H40 D6F B . -10.04 -2.83 -0.20
H9N D6F B . -9.57 -4.22 0.82
H9T D6F B . -10.23 -4.15 -2.00
H43 D6F B . -9.99 -5.56 -0.94
H9S D6F B . -8.59 -4.82 -1.77
H19 D6F B . 1.21 0.34 2.15
H18 D6F B . 3.10 -0.91 3.17
H15 D6F B . 0.81 -2.71 -0.86
H16 D6F B . 2.68 -3.97 0.17
H37 D6F B . 2.87 -4.97 2.71
H36 D6F B . 4.75 -6.23 3.74
H33 D6F B . 5.48 -1.62 2.02
H34 D6F B . 7.36 -2.88 3.05
H9L D6F B . 7.99 -4.69 4.54
H38 D6F B . 6.91 -6.08 4.82
H42 D6F B . 8.94 -5.64 2.71
H9Q D6F B . 7.40 -6.31 2.13
H9R D6F B . 8.32 -7.15 3.39
C41 D6F B . 2.57 9.64 -1.99
C39 D6F B . 2.21 8.76 -3.19
N30 D6F B . 1.91 7.38 -2.73
C31 D6F B . 2.93 6.43 -2.65
C32 D6F B . 2.65 5.14 -2.22
C29 D6F B . 0.60 7.03 -2.37
C28 D6F B . 0.32 5.73 -1.94
C22 D6F B . 1.35 4.79 -1.86
C12 D6F B . 1.06 3.50 -1.43
C13 D6F B . 0.38 3.29 -0.24
C14 D6F B . 0.09 2.00 0.19
C11 D6F B . 1.47 2.40 -2.20
C10 D6F B . 1.19 1.11 -1.77
C4 D6F B . 0.50 0.91 -0.57
N1 D6F B . 0.23 -0.34 -0.15
C3 D6F B . -1.07 -0.67 -0.09
C9 D6F B . -1.67 -0.91 1.14
C8 D6F B . -3.01 -1.26 1.20
C5 D6F B . -1.81 -0.79 -1.26
C6 D6F B . -3.15 -1.15 -1.21
C7 D6F B . -3.76 -1.38 0.03
C20 D6F B . -5.10 -1.73 0.10
C27 D6F B . -6.06 -0.96 -0.57
C26 D6F B . -7.40 -1.30 -0.51
C23 D6F B . -5.49 -2.87 0.81
C24 D6F B . -6.84 -3.21 0.88
N25 D6F B . -7.80 -2.44 0.22
C40 D6F B . -9.23 -2.81 0.29
C43 D6F B . -9.58 -3.77 -0.86
C2 D6F B . 1.24 -1.04 0.36
C19 D6F B . 1.94 -0.55 1.47
C18 D6F B . 3.00 -1.29 2.00
C15 D6F B . 1.59 -2.27 -0.20
C16 D6F B . 2.64 -3.01 0.34
C17 D6F B . 3.34 -2.51 1.44
C21 D6F B . 4.39 -3.25 1.97
C37 D6F B . 4.17 -4.53 2.49
C36 D6F B . 5.22 -5.26 3.03
C33 D6F B . 5.68 -2.70 1.99
C34 D6F B . 6.74 -3.44 2.53
N35 D6F B . 6.52 -4.72 3.05
C38 D6F B . 7.63 -5.50 3.62
C42 D6F B . 8.33 -6.29 2.52
H41 D6F B . 3.38 10.31 -2.29
H9O D6F B . 2.90 9.02 -1.17
H9P D6F B . 1.70 10.22 -1.69
H39 D6F B . 3.04 8.75 -3.89
H9M D6F B . 1.33 9.19 -3.69
H31 D6F B . 3.95 6.70 -2.92
H32 D6F B . 3.44 4.40 -2.16
H29 D6F B . -0.20 7.77 -2.43
H28 D6F B . -0.70 5.46 -1.67
H13 D6F B . 0.06 4.15 0.36
H14 D6F B . -0.45 1.85 1.13
H11 D6F B . 2.00 2.56 -3.13
H10 D6F B . 1.50 0.25 -2.36
H9 D6F B . -1.08 -0.82 2.06
H8 D6F B . -3.48 -1.45 2.16
H5 D6F B . -1.33 -0.60 -2.23
H6 D6F B . -3.74 -1.24 -2.12
H27 D6F B . -5.74 -0.08 -1.13
H26 D6F B . -8.15 -0.70 -1.02
H23 D6F B . -4.75 -3.47 1.33
H24 D6F B . -7.14 -4.10 1.45
H40 D6F B . -9.85 -1.93 0.20
H9N D6F B . -9.44 -3.31 1.24
H9T D6F B . -9.30 -4.78 -0.58
H43 D6F B . -9.03 -3.47 -1.75
H9S D6F B . -10.65 -3.72 -1.05
H19 D6F B . 1.67 0.40 1.90
H18 D6F B . 3.55 -0.91 2.86
H15 D6F B . 1.04 -2.65 -1.06
H16 D6F B . 2.91 -3.97 -0.10
H37 D6F B . 3.16 -4.95 2.46
H36 D6F B . 5.04 -6.26 3.43
H33 D6F B . 5.85 -1.71 1.59
H34 D6F B . 7.75 -3.01 2.54
H9L D6F B . 8.37 -4.83 4.08
H38 D6F B . 7.27 -6.19 4.37
H42 D6F B . 8.87 -7.13 2.97
H9Q D6F B . 7.60 -6.67 1.82
H9R D6F B . 9.04 -5.65 1.99
C41 D6F B . 2.54 9.67 -2.47
C39 D6F B . 2.20 8.73 -3.63
N30 D6F B . 1.86 7.39 -3.10
C31 D6F B . 2.85 6.41 -2.96
C32 D6F B . 2.52 5.15 -2.47
C29 D6F B . 0.52 7.09 -2.75
C28 D6F B . 0.21 5.82 -2.26
C22 D6F B . 1.21 4.86 -2.12
C12 D6F B . 0.87 3.59 -1.63
C13 D6F B . 0.15 3.47 -0.44
C14 D6F B . -0.17 2.21 0.05
C11 D6F B . 1.27 2.45 -2.32
C10 D6F B . 0.95 1.19 -1.82
C4 D6F B . 0.23 1.07 -0.65
N1 D6F B . -0.09 -0.15 -0.17
C3 D6F B . -1.39 -0.45 -0.15
C9 D6F B . -2.03 -0.65 1.07
C8 D6F B . -3.39 -0.96 1.08
C5 D6F B . -2.10 -0.55 -1.35
C6 D6F B . -3.45 -0.86 -1.32
C7 D6F B . -4.10 -1.07 -0.11
C20 D6F B . -5.46 -1.38 -0.09
C27 D6F B . -6.37 -0.58 -0.78
C26 D6F B . -7.72 -0.89 -0.77
C23 D6F B . -5.91 -2.49 0.63
C24 D6F B . -7.27 -2.81 0.64
N25 D6F B . -8.18 -2.00 -0.05
C40 D6F B . -9.62 -2.34 -0.03
C43 D6F B . -9.97 -3.29 -1.18
C2 D6F B . 0.86 -0.87 0.42
C19 D6F B . 1.49 -0.39 1.57
C18 D6F B . 2.48 -1.14 2.19
C15 D6F B . 1.21 -2.11 -0.09
C16 D6F B . 2.21 -2.87 0.53
C17 D6F B . 2.83 -2.39 1.68
C21 D6F B . 3.82 -3.14 2.30
C37 D6F B . 3.52 -4.41 2.80
C36 D6F B . 4.50 -5.17 3.42
C33 D6F B . 5.11 -2.62 2.43
C34 D6F B . 6.11 -3.38 3.06
N35 D6F B . 5.80 -4.66 3.56
C38 D6F B . 6.85 -5.46 4.22
C42 D6F B . 7.64 -6.26 3.19
H41 D6F B . 1.75 9.62 -1.72
H9O D6F B . 2.62 10.69 -2.85
H9P D6F B . 3.49 9.37 -2.02
H39 D6F B . 3.05 8.66 -4.29
H9M D6F B . 1.35 9.14 -4.17
H31 D6F B . 3.87 6.64 -3.23
H32 D6F B . 3.30 4.39 -2.35
H29 D6F B . -0.25 7.84 -2.86
H28 D6F B . -0.82 5.59 -1.99
H13 D6F B . -0.16 4.37 0.10
H14 D6F B . -0.74 2.12 0.97
H11 D6F B . 1.84 2.54 -3.25
H10 D6F B . 1.26 0.30 -2.37
H9 D6F B . -1.49 -0.57 2.00
H8 D6F B . -3.90 -1.13 2.04
H5 D6F B . -1.59 -0.39 -2.29
H6 D6F B . -4.01 -0.94 -2.26
H27 D6F B . -6.02 0.29 -1.34
H26 D6F B . -8.44 -0.27 -1.30
H23 D6F B . -5.19 -3.12 1.16
H24 D6F B . -7.62 -3.68 1.21
H40 D6F B . -10.22 -1.43 -0.14
H9N D6F B . -9.88 -2.83 0.91
H9T D6F B . -10.49 -2.73 -1.96
H43 D6F B . -10.60 -4.08 -0.81
H9S D6F B . -9.05 -3.71 -1.59
H19 D6F B . 1.21 0.59 1.98
H18 D6F B . 2.97 -0.77 3.09
H15 D6F B . 0.72 -2.49 -0.98
H16 D6F B . 2.48 -3.85 0.13
H37 D6F B . 2.51 -4.80 2.70
H36 D6F B . 4.27 -6.16 3.82
H33 D6F B . 5.34 -1.64 2.05
H34 D6F B . 7.12 -2.98 3.16
H9L D6F B . 7.55 -4.81 4.75
H38 D6F B . 6.41 -6.15 4.93
H42 D6F B . 8.30 -5.60 2.64
H9Q D6F B . 6.94 -6.74 2.49
H9R D6F B . 8.22 -7.03 3.69
C41 D6F B . 2.64 9.94 -2.48
C39 D6F B . 2.55 8.96 -3.64
N30 D6F B . 2.22 7.61 -3.14
C31 D6F B . 3.24 6.66 -2.93
C32 D6F B . 2.92 5.40 -2.46
C29 D6F B . 0.88 7.27 -2.87
C28 D6F B . 0.58 5.99 -2.40
C22 D6F B . 1.59 5.06 -2.20
C12 D6F B . 1.28 3.79 -1.72
C13 D6F B . 0.50 3.64 -0.58
C14 D6F B . 0.19 2.37 -0.10
C11 D6F B . 1.75 2.66 -2.39
C10 D6F B . 1.43 1.39 -1.91
C4 D6F B . 0.65 1.24 -0.78
N1 D6F B . 0.36 0.02 -0.32
C3 D6F B . -0.95 -0.27 -0.27
C9 D6F B . -1.57 -0.48 0.97
C8 D6F B . -2.92 -0.80 1.02
C5 D6F B . -1.69 -0.37 -1.44
C6 D6F B . -3.05 -0.67 -1.39
C7 D6F B . -3.67 -0.88 -0.16
C20 D6F B . -5.03 -1.19 -0.10
C27 D6F B . -5.95 -0.39 -0.77
C26 D6F B . -7.31 -0.69 -0.71
C23 D6F B . -5.46 -2.30 0.63
C24 D6F B . -6.82 -2.60 0.69
N25 D6F B . -7.75 -1.80 0.01
C40 D6F B . -9.19 -2.13 0.07
C43 D6F B . -9.56 -3.07 -1.07
C2 D6F B . 1.32 -0.71 0.25
C19 D6F B . 2.00 -0.21 1.35
C18 D6F B . 3.02 -0.96 1.95
C15 D6F B . 1.64 -1.95 -0.27
C16 D6F B . 2.65 -2.72 0.32
C17 D6F B . 3.34 -2.22 1.42
C21 D6F B . 4.35 -2.98 2.02
C37 D6F B . 4.05 -4.23 2.55
C36 D6F B . 5.06 -4.99 3.14
C33 D6F B . 5.65 -2.47 2.07
C34 D6F B . 6.66 -3.22 2.65
N35 D6F B . 6.37 -4.49 3.19
C38 D6F B . 7.45 -5.29 3.82
C42 D6F B . 8.06 -6.25 2.80
H41 D6F B . 1.88 10.72 -2.59
H9O D6F B . 3.64 10.41 -2.48
H9P D6F B . 2.50 9.42 -1.54
H39 D6F B . 3.51 8.94 -4.17
H9M D6F B . 1.78 9.31 -4.33
H31 D6F B . 4.28 6.93 -3.14
H32 D6F B . 3.71 4.66 -2.30
H29 D6F B . 0.10 8.00 -3.04
H28 D6F B . -0.46 5.72 -2.19
H13 D6F B . 0.13 4.53 -0.06
H14 D6F B . -0.43 2.27 0.79
H11 D6F B . 2.36 2.77 -3.29
H10 D6F B . 1.80 0.51 -2.44
H9 D6F B . -0.99 -0.42 1.88
H8 D6F B . -3.40 -0.96 1.99
H5 D6F B . -1.21 -0.20 -2.40
H6 D6F B . -3.63 -0.74 -2.31
H27 D6F B . -5.60 0.48 -1.33
H26 D6F B . -8.03 -0.06 -1.24
H23 D6F B . -4.74 -2.93 1.15
H24 D6F B . -7.16 -3.47 1.25
H40 D6F B . -9.78 -1.22 -0.02
H9N D6F B . -9.43 -2.60 1.02
H9T D6F B . -10.23 -3.85 -0.69
H43 D6F B . -8.67 -3.53 -1.47
H9S D6F B . -10.07 -2.51 -1.86
H19 D6F B . 1.75 0.77 1.76
H18 D6F B . 3.56 -0.58 2.81
H15 D6F B . 1.11 -2.35 -1.14
H16 D6F B . 2.90 -3.70 -0.08
H37 D6F B . 3.03 -4.62 2.50
H36 D6F B . 4.84 -5.96 3.56
H33 D6F B . 5.87 -1.49 1.66
H34 D6F B . 7.68 -2.84 2.71
H9L D6F B . 8.22 -4.64 4.21
H38 D6F B . 7.04 -5.88 4.65
H42 D6F B . 8.77 -6.90 3.29
H9Q D6F B . 8.57 -5.67 2.03
H9R D6F B . 7.27 -6.84 2.34
C41 D6F B . 2.11 9.91 -1.94
C39 D6F B . 1.80 9.01 -3.13
N30 D6F B . 1.51 7.63 -2.67
C31 D6F B . 2.56 6.69 -2.58
C32 D6F B . 2.29 5.39 -2.14
C29 D6F B . 0.21 7.26 -2.30
C28 D6F B . -0.04 5.96 -1.87
C22 D6F B . 1.00 5.03 -1.79
C12 D6F B . 0.73 3.73 -1.34
C13 D6F B . 0.06 3.53 -0.15
C14 D6F B . -0.21 2.24 0.29
C11 D6F B . 1.15 2.64 -2.11
C10 D6F B . 0.89 1.35 -1.67
C4 D6F B . 0.21 1.14 -0.46
N1 D6F B . -0.03 -0.09 -0.04
C3 D6F B . -1.31 -0.48 -0.04
C9 D6F B . -1.96 -0.76 1.17
C8 D6F B . -3.30 -1.17 1.17
C5 D6F B . -2.00 -0.63 -1.24
C6 D6F B . -3.33 -1.03 -1.24
C7 D6F B . -3.98 -1.31 -0.04
C20 D6F B . -5.32 -1.72 -0.03
C27 D6F B . -6.27 -0.97 -0.72
C26 D6F B . -7.60 -1.37 -0.72
C23 D6F B . -5.69 -2.86 0.66
C24 D6F B . -7.02 -3.28 0.67
N25 D6F B . -7.98 -2.53 -0.03
C40 D6F B . -9.40 -2.96 -0.02
C43 D6F B . -9.69 -3.82 -1.26
C2 D6F B . 0.95 -0.83 0.48
C19 D6F B . 1.67 -0.35 1.57
C18 D6F B . 2.71 -1.11 2.11
C15 D6F B . 1.26 -2.07 -0.07
C16 D6F B . 2.30 -2.83 0.48
C17 D6F B . 3.02 -2.36 1.56
C21 D6F B . 4.05 -3.11 2.10
C37 D6F B . 3.78 -4.37 2.62
C36 D6F B . 4.81 -5.14 3.17
C33 D6F B . 5.35 -2.61 2.13
C34 D6F B . 6.38 -3.36 2.66
N35 D6F B . 6.12 -4.63 3.19
C38 D6F B . 7.22 -5.43 3.77
C42 D6F B . 7.82 -6.36 2.69
H41 D6F B . 1.48 10.79 -1.97
H9O D6F B . 1.95 9.37 -1.01
H9P D6F B . 3.16 10.23 -2.00
H39 D6F B . 2.65 9.01 -3.81
H9M D6F B . 0.92 9.41 -3.65
H31 D6F B . 3.57 6.98 -2.86
H32 D6F B . 3.10 4.67 -2.08
H29 D6F B . -0.60 7.98 -2.37
H28 D6F B . -1.05 5.67 -1.59
H13 D6F B . -0.28 4.39 0.45
H14 D6F B . -0.75 2.07 1.23
H11 D6F B . 1.69 2.81 -3.04
H10 D6F B . 1.22 0.49 -2.25
H9 D6F B . -1.42 -0.66 2.11
H8 D6F B . -3.80 -1.38 2.11
H5 D6F B . -1.51 -0.41 -2.18
H6 D6F B . -3.88 -1.14 -2.19
H27 D6F B . -5.98 -0.07 -1.26
H26 D6F B . -8.35 -0.79 -1.26
H23 D6F B . -4.94 -3.44 1.19
H24 D6F B . -7.30 -4.18 1.20
H40 D6F B . -10.05 -2.09 -0.04
H9N D6F B . -9.61 -3.55 0.87
H9T D6F B . -8.79 -3.88 -1.87
H43 D6F B . -10.49 -3.37 -1.83
H9S D6F B . -9.99 -4.82 -0.94
H19 D6F B . 1.43 0.62 2.01
H18 D6F B . 3.28 -0.73 2.97
H15 D6F B . 0.70 -2.45 -0.93
H16 D6F B . 2.53 -3.81 0.04
H37 D6F B . 2.76 -4.77 2.60
H36 D6F B . 4.60 -6.13 3.58
H33 D6F B . 5.55 -1.61 1.72
H34 D6F B . 7.40 -2.97 2.67
H9L D6F B . 8.00 -4.79 4.15
H38 D6F B . 6.84 -6.06 4.58
H42 D6F B . 7.02 -6.91 2.20
H9Q D6F B . 8.35 -5.75 1.96
H9R D6F B . 8.51 -7.05 3.16
C41 D6F B . 2.18 9.94 -2.09
C39 D6F B . 1.80 9.04 -3.28
N30 D6F B . 1.55 7.65 -2.81
C31 D6F B . 2.60 6.72 -2.80
C32 D6F B . 2.36 5.42 -2.36
C29 D6F B . 0.27 7.27 -2.38
C28 D6F B . 0.05 5.98 -1.94
C22 D6F B . 1.08 5.05 -1.93
C12 D6F B . 0.85 3.75 -1.49
C13 D6F B . 0.21 3.53 -0.26
C14 D6F B . -0.02 2.23 0.18
C11 D6F B . 1.25 2.66 -2.27
C10 D6F B . 1.01 1.36 -1.83
C4 D6F B . 0.38 1.14 -0.61
N1 D6F B . 0.15 -0.10 -0.18
C3 D6F B . -1.13 -0.47 -0.09
C9 D6F B . -1.69 -0.75 1.16
C8 D6F B . -3.03 -1.13 1.26
C5 D6F B . -1.91 -0.60 -1.24
C6 D6F B . -3.24 -0.99 -1.15
C7 D6F B . -3.80 -1.26 0.10
C20 D6F B . -5.14 -1.64 0.20
C27 D6F B . -6.12 -0.88 -0.41
C26 D6F B . -7.47 -1.27 -0.32
C23 D6F B . -5.48 -2.79 0.92
C24 D6F B . -6.81 -3.18 1.02
N25 D6F B . -7.80 -2.42 0.40
C40 D6F B . -9.22 -2.83 0.51
C43 D6F B . -9.60 -3.74 -0.67
C2 D6F B . 1.16 -0.83 0.31
C19 D6F B . 1.93 -0.33 1.36
C18 D6F B . 2.99 -1.10 1.86
C15 D6F B . 1.45 -2.08 -0.24
C16 D6F B . 2.50 -2.84 0.26
C17 D6F B . 3.26 -2.35 1.31
C21 D6F B . 4.32 -3.10 1.83
C37 D6F B . 4.08 -4.36 2.37
C36 D6F B . 5.12 -5.12 2.88
C33 D6F B . 5.62 -2.59 1.78
C34 D6F B . 6.68 -3.35 2.30
N35 D6F B . 6.43 -4.61 2.84
C38 D6F B . 7.55 -5.42 3.37
C42 D6F B . 7.72 -5.16 4.87
H41 D6F B . 1.96 9.42 -1.17
H9O D6F B . 1.60 10.85 -2.15
H9P D6F B . 3.24 10.16 -2.15
H39 D6F B . 2.62 9.05 -4.00
H9M D6F B . 0.91 9.44 -3.75
H31 D6F B . 3.60 7.01 -3.14
H32 D6F B . 3.17 4.69 -2.35
H29 D6F B . -0.54 8.00 -2.38
H28 D6F B . -0.95 5.68 -1.60
H13 D6F B . -0.09 4.38 0.35
H14 D6F B . -0.51 2.06 1.14
H11 D6F B . 1.74 2.83 -3.23
H10 D6F B . 1.31 0.51 -2.44
H9 D6F B . -1.09 -0.65 2.07
H8 D6F B . -3.47 -1.34 2.23
H5 D6F B . -1.47 -0.40 -2.22
H6 D6F B . -3.85 -1.09 -2.04
H27 D6F B . -5.86 0.01 -0.98
H26 D6F B . -8.24 -0.67 -0.80
H23 D6F B . -4.70 -3.38 1.41
H24 D6F B . -7.07 -4.07 1.58
H40 D6F B . -9.87 -1.96 0.50
H9N D6F B . -9.39 -3.38 1.44
H9T D6F B . -9.44 -3.20 -1.61
H43 D6F B . -10.64 -4.02 -0.59
H9S D6F B . -8.98 -4.64 -0.65
H19 D6F B . 1.71 0.64 1.79
H18 D6F B . 3.59 -0.71 2.69
H15 D6F B . 0.84 -2.46 -1.06
H16 D6F B . 2.72 -3.81 -0.16
H37 D6F B . 3.06 -4.75 2.39
H36 D6F B . 4.94 -6.11 3.30
H33 D6F B . 5.81 -1.61 1.36
H34 D6F B . 7.69 -2.95 2.26
H9L D6F B . 7.37 -6.48 3.21
H38 D6F B . 8.49 -5.15 2.87
H42 D6F B . 8.31 -4.27 5.03
H9Q D6F B . 6.73 -5.04 5.33
H9R D6F B . 8.22 -6.02 5.34
C41 D6F B . 1.92 9.82 -2.19
C39 D6F B . 1.45 8.91 -3.32
N30 D6F B . 1.23 7.54 -2.82
C31 D6F B . 2.29 6.63 -2.80
C32 D6F B . 2.09 5.33 -2.32
C29 D6F B . -0.04 7.15 -2.37
C28 D6F B . -0.23 5.85 -1.90
C22 D6F B . 0.82 4.95 -1.88
C12 D6F B . 0.62 3.65 -1.41
C13 D6F B . 0.00 3.45 -0.17
C14 D6F B . -0.21 2.16 0.30
C11 D6F B . 1.04 2.56 -2.16
C10 D6F B . 0.83 1.27 -1.68
C4 D6F B . 0.21 1.06 -0.45
N1 D6F B . 0.01 -0.18 0.01
C3 D6F B . -1.24 -0.62 0.06
C9 D6F B . -1.80 -0.94 1.30
C8 D6F B . -3.11 -1.41 1.37
C5 D6F B . -1.99 -0.78 -1.10
C6 D6F B . -3.29 -1.26 -1.04
C7 D6F B . -3.86 -1.57 0.19
C20 D6F B . -5.17 -2.04 0.26
C27 D6F B . -6.19 -1.34 -0.38
C26 D6F B . -7.50 -1.81 -0.31
C23 D6F B . -5.45 -3.22 0.95
C24 D6F B . -6.76 -3.69 1.02
N25 D6F B . -7.79 -2.99 0.39
C40 D6F B . -9.18 -3.49 0.45
C43 D6F B . -9.45 -4.46 -0.70
C2 D6F B . 1.05 -0.85 0.51
C19 D6F B . 1.75 -0.35 1.61
C18 D6F B . 2.83 -1.05 2.14
C15 D6F B . 1.44 -2.06 -0.07
C16 D6F B . 2.52 -2.76 0.46
C17 D6F B . 3.22 -2.25 1.56
C21 D6F B . 4.30 -2.96 2.09
C37 D6F B . 4.11 -4.25 2.58
C36 D6F B . 5.19 -4.95 3.11
C33 D6F B . 5.56 -2.37 2.12
C34 D6F B . 6.64 -3.06 2.65
N35 D6F B . 6.46 -4.36 3.14
C38 D6F B . 7.61 -5.11 3.70
C42 D6F B . 8.28 -5.95 2.61
H41 D6F B . 1.97 10.85 -2.55
H9O D6F B . 1.22 9.75 -1.36
H9P D6F B . 2.91 9.51 -1.87
H39 D6F B . 2.20 8.92 -4.11
H9M D6F B . 0.52 9.32 -3.74
H31 D6F B . 3.28 6.94 -3.14
H32 D6F B . 2.91 4.62 -2.30
H29 D6F B . -0.87 7.85 -2.40
H28 D6F B . -1.22 5.55 -1.55
H13 D6F B . -0.32 4.31 0.42
H14 D6F B . -0.69 2.00 1.27
H11 D6F B . 1.52 2.71 -3.12
H10 D6F B . 1.16 0.40 -2.28
H9 D6F B . -1.23 -0.82 2.22
H8 D6F B . -3.56 -1.66 2.33
H5 D6F B . -1.54 -0.54 -2.07
H6 D6F B . -3.87 -1.39 -1.95
H27 D6F B . -5.97 -0.42 -0.92
H26 D6F B . -8.30 -1.26 -0.80
H23 D6F B . -4.64 -3.77 1.45
H24 D6F B . -6.98 -4.61 1.56
H40 D6F B . -9.88 -2.66 0.39
H9N D6F B . -9.35 -4.01 1.40
H9T D6F B . -8.93 -5.39 -0.52
H43 D6F B . -9.10 -4.02 -1.63
H9S D6F B . -10.52 -4.65 -0.77
H19 D6F B . 1.44 0.60 2.06
H18 D6F B . 3.37 -0.65 3.00
H15 D6F B . 0.90 -2.46 -0.92
H16 D6F B . 2.83 -3.71 0.02
H37 D6F B . 3.12 -4.71 2.56
H36 D6F B . 5.04 -5.97 3.50
H33 D6F B . 5.69 -1.36 1.73
H34 D6F B . 7.63 -2.61 2.66
H9L D6F B . 8.35 -4.41 4.11
H38 D6F B . 7.28 -5.78 4.50
H42 D6F B . 7.86 -5.69 1.64
H9Q D6F B . 8.11 -7.01 2.81
H9R D6F B . 9.35 -5.75 2.61
C41 D6F B . 2.39 9.74 -2.25
C39 D6F B . 2.10 8.80 -3.43
N30 D6F B . 1.79 7.45 -2.94
C31 D6F B . 2.82 6.51 -2.77
C32 D6F B . 2.52 5.23 -2.30
C29 D6F B . 0.47 7.09 -2.63
C28 D6F B . 0.18 5.81 -2.17
C22 D6F B . 1.20 4.88 -2.00
C12 D6F B . 0.91 3.60 -1.54
C13 D6F B . 0.15 3.44 -0.37
C14 D6F B . -0.14 2.16 0.09
C11 D6F B . 1.38 2.49 -2.23
C10 D6F B . 1.08 1.20 -1.76
C4 D6F B . 0.32 1.04 -0.60
N1 D6F B . 0.04 -0.19 -0.16
C3 D6F B . -1.25 -0.54 -0.19
C9 D6F B . -1.95 -0.75 1.00
C8 D6F B . -3.29 -1.12 0.97
C5 D6F B . -1.89 -0.71 -1.41
C6 D6F B . -3.24 -1.08 -1.45
C7 D6F B . -3.94 -1.28 -0.26
C20 D6F B . -5.28 -1.65 -0.29
C27 D6F B . -6.18 -0.91 -1.04
C26 D6F B . -7.53 -1.27 -1.08
C23 D6F B . -5.71 -2.75 0.44
C24 D6F B . -7.06 -3.13 0.40
N25 D6F B . -7.96 -2.39 -0.36
C40 D6F B . -9.39 -2.78 -0.40
C43 D6F B . -9.64 -3.75 -1.55
C2 D6F B . 1.00 -0.90 0.44
C19 D6F B . 1.64 -0.41 1.58
C18 D6F B . 2.64 -1.16 2.19
C15 D6F B . 1.37 -2.14 -0.09
C16 D6F B . 2.37 -2.89 0.53
C17 D6F B . 3.01 -2.40 1.66
C21 D6F B . 4.01 -3.14 2.27
C37 D6F B . 3.74 -4.41 2.77
C36 D6F B . 4.74 -5.15 3.39
C33 D6F B . 5.30 -2.61 2.39
C34 D6F B . 6.30 -3.35 3.00
N35 D6F B . 6.03 -4.63 3.50
C38 D6F B . 7.09 -5.42 4.16
C42 D6F B . 7.88 -6.21 3.11
H41 D6F B . 2.44 9.16 -1.33
H9O D6F B . 1.59 10.49 -2.18
H9P D6F B . 3.34 10.25 -2.42
H39 D6F B . 2.97 8.78 -4.08
H9M D6F B . 1.26 9.20 -3.99
H31 D6F B . 3.85 6.78 -3.00
H32 D6F B . 3.32 4.50 -2.18
H29 D6F B . -0.34 7.81 -2.76
H28 D6F B . -0.85 5.54 -1.93
H13 D6F B . -0.21 4.31 0.16
H14 D6F B . -0.73 2.03 1.00
H11 D6F B . 1.96 2.61 -3.13
H10 D6F B . 1.44 0.32 -2.30
H9 D6F B . -1.44 -0.62 1.96
H8 D6F B . -3.83 -1.27 1.90
H5 D6F B . -1.35 -0.54 -2.34
H6 D6F B . -3.74 -1.20 -2.41
H27 D6F B . -5.83 -0.04 -1.61
H26 D6F B . -8.24 -0.69 -1.68
H23 D6F B . -5.00 -3.34 1.03
H24 D6F B . -7.39 -4.00 0.97
H40 D6F B . -10.02 -1.91 -0.54
H9N D6F B . -9.67 -3.27 0.54
H9T D6F B . -9.62 -3.22 -2.49
H43 D6F B . -10.62 -4.22 -1.42
H9S D6F B . -8.87 -4.52 -1.54
H19 D6F B . 1.35 0.56 1.98
H18 D6F B . 3.14 -0.78 3.08
H15 D6F B . 0.87 -2.52 -0.98
H16 D6F B . 2.66 -3.86 0.12
H37 D6F B . 2.73 -4.83 2.67
H36 D6F B . 4.51 -6.15 3.78
H33 D6F B . 5.52 -1.61 2.00
H34 D6F B . 7.31 -2.93 3.09
H9L D6F B . 7.78 -4.76 4.68
H38 D6F B . 6.66 -6.11 4.87
H42 D6F B . 8.10 -7.21 3.50
H9Q D6F B . 8.81 -5.69 2.88
H9R D6F B . 7.28 -6.30 2.20
C41 D6F B . 2.02 9.77 -2.50
C39 D6F B . 1.52 8.85 -3.62
N30 D6F B . 1.28 7.49 -3.09
C31 D6F B . 2.33 6.56 -3.04
C32 D6F B . 2.10 5.28 -2.53
C29 D6F B . 0.01 7.12 -2.64
C28 D6F B . -0.22 5.84 -2.14
C22 D6F B . 0.83 4.93 -2.09
C12 D6F B . 0.60 3.65 -1.59
C13 D6F B . -0.01 3.48 -0.35
C14 D6F B . -0.24 2.19 0.15
C11 D6F B . 1.00 2.52 -2.33
C10 D6F B . 0.77 1.24 -1.83
C4 D6F B . 0.15 1.08 -0.58
N1 D6F B . -0.07 -0.15 -0.11
C3 D6F B . -1.34 -0.57 -0.02
C9 D6F B . -1.89 -0.85 1.22
C8 D6F B . -3.21 -1.28 1.32
C5 D6F B . -2.10 -0.71 -1.18
C6 D6F B . -3.43 -1.15 -1.08
C7 D6F B . -3.99 -1.43 0.17
C20 D6F B . -5.30 -1.87 0.26
C27 D6F B . -6.32 -1.13 -0.36
C26 D6F B . -7.63 -1.57 -0.27
C23 D6F B . -5.60 -3.03 0.97
C24 D6F B . -6.92 -3.46 1.07
N25 D6F B . -7.94 -2.74 0.45
C40 D6F B . -9.34 -3.19 0.55
C43 D6F B . -9.67 -4.16 -0.60
C2 D6F B . 0.94 -0.84 0.42
C19 D6F B . 1.64 -0.33 1.51
C18 D6F B . 2.70 -1.06 2.06
C15 D6F B . 1.29 -2.08 -0.13
C16 D6F B . 2.35 -2.81 0.43
C17 D6F B . 3.05 -2.29 1.52
C21 D6F B . 4.10 -3.02 2.07
C37 D6F B . 3.87 -4.29 2.60
C36 D6F B . 4.92 -5.02 3.15
C33 D6F B . 5.38 -2.47 2.09
C34 D6F B . 6.44 -3.19 2.64
N35 D6F B . 6.21 -4.47 3.17
C38 D6F B . 7.34 -5.24 3.76
C42 D6F B . 8.03 -6.06 2.67
H41 D6F B . 2.98 9.39 -2.12
H9O D6F B . 2.16 10.77 -2.90
H9P D6F B . 1.29 9.79 -1.69
H39 D6F B . 2.27 8.82 -4.41
H9M D6F B . 0.60 9.26 -4.02
H31 D6F B . 3.32 6.84 -3.38
H32 D6F B . 2.91 4.56 -2.50
H29 D6F B . -0.81 7.84 -2.67
H28 D6F B . -1.21 5.56 -1.79
H13 D6F B . -0.32 4.34 0.22
H14 D6F B . -0.73 2.06 1.11
H11 D6F B . 1.48 2.65 -3.29
H10 D6F B . 1.07 0.37 -2.40
H9 D6F B . -1.29 -0.73 2.13
H8 D6F B . -3.65 -1.50 2.29
H5 D6F B . -1.67 -0.49 -2.15
H6 D6F B . -4.02 -1.26 -1.98
H27 D6F B . -6.08 -0.23 -0.92
H26 D6F B . -8.44 -1.00 -0.75
H23 D6F B . -4.80 -3.59 1.46
H24 D6F B . -7.15 -4.37 1.62
H40 D6F B . -10.02 -2.35 0.49
H9N D6F B . -9.51 -3.71 1.49
H9T D6F B . -9.80 -3.59 -1.52
H43 D6F B . -10.59 -4.69 -0.37
H9S D6F B . -8.85 -4.86 -0.72
H19 D6F B . 1.37 0.64 1.93
H18 D6F B . 3.25 -0.66 2.90
H15 D6F B . 0.74 -2.48 -0.98
H16 D6F B . 2.62 -3.78 0.01
H37 D6F B . 2.86 -4.71 2.57
H36 D6F B . 4.75 -6.01 3.56
H33 D6F B . 5.56 -1.48 1.69
H34 D6F B . 7.44 -2.77 2.66
H9L D6F B . 8.06 -4.56 4.21
H38 D6F B . 6.97 -5.92 4.53
H42 D6F B . 7.30 -6.68 2.17
H9Q D6F B . 8.79 -6.69 3.13
H9R D6F B . 8.49 -5.39 1.96
C41 D6F B . 1.65 9.68 -2.52
C39 D6F B . 1.11 8.77 -3.62
N30 D6F B . 0.88 7.40 -3.10
C31 D6F B . 1.96 6.50 -2.98
C32 D6F B . 1.75 5.23 -2.48
C29 D6F B . -0.41 7.00 -2.71
C28 D6F B . -0.60 5.71 -2.22
C22 D6F B . 0.47 4.83 -2.10
C12 D6F B . 0.26 3.55 -1.60
C13 D6F B . -0.41 3.37 -0.38
C14 D6F B . -0.63 2.09 0.11
C11 D6F B . 0.72 2.44 -2.30
C10 D6F B . 0.51 1.16 -1.80
C4 D6F B . -0.17 0.98 -0.60
N1 D6F B . -0.37 -0.25 -0.12
C3 D6F B . -1.62 -0.72 -0.12
C9 D6F B . -2.24 -1.04 1.09
C8 D6F B . -3.54 -1.53 1.08
C5 D6F B . -2.29 -0.92 -1.32
C6 D6F B . -3.59 -1.41 -1.32
C7 D6F B . -4.22 -1.72 -0.12
C20 D6F B . -5.52 -2.23 -0.12
C27 D6F B . -6.52 -1.55 -0.81
C26 D6F B . -7.82 -2.04 -0.81
C23 D6F B . -5.82 -3.40 0.56
C24 D6F B . -7.12 -3.90 0.57
N25 D6F B . -8.13 -3.22 -0.13
C40 D6F B . -9.51 -3.75 -0.13
C43 D6F B . -9.72 -4.69 -1.32
C2 D6F B . 0.64 -0.91 0.44
C19 D6F B . 1.27 -0.41 1.58
C18 D6F B . 2.33 -1.10 2.16
C15 D6F B . 1.07 -2.13 -0.11
C16 D6F B . 2.12 -2.82 0.48
C17 D6F B . 2.75 -2.32 1.62
C21 D6F B . 3.81 -3.00 2.20
C37 D6F B . 3.60 -4.31 2.67
C36 D6F B . 4.66 -5.00 3.26
C33 D6F B . 5.06 -2.40 2.31
C34 D6F B . 6.12 -3.10 2.90
N35 D6F B . 5.91 -4.40 3.37
C38 D6F B . 7.04 -5.14 3.99
C42 D6F B . 7.81 -5.92 2.93
H41 D6F B . 2.70 9.90 -2.70
H9O D6F B . 1.54 9.19 -1.56
H9P D6F B . 1.07 10.61 -2.52
H39 D6F B . 1.83 8.74 -4.43
H9M D6F B . 0.17 9.18 -4.01
H31 D6F B . 2.96 6.82 -3.28
H32 D6F B . 2.58 4.53 -2.39
H29 D6F B . -1.24 7.68 -2.80
H28 D6F B . -1.61 5.41 -1.91
H13 D6F B . -0.78 4.24 0.16
H14 D6F B . -1.16 1.95 1.06
H11 D6F B . 1.25 2.57 -3.25
H10 D6F B . 0.87 0.29 -2.36
H9 D6F B . -1.72 -0.89 2.03
H8 D6F B . -4.04 -1.78 2.03
H5 D6F B . -1.79 -0.67 -2.26
H6 D6F B . -4.12 -1.56 -2.27
H27 D6F B . -6.28 -0.62 -1.36
H26 D6F B . -8.61 -1.51 -1.36
H23 D6F B . -5.03 -3.92 1.11
H24 D6F B . -7.34 -4.82 1.10
H40 D6F B . -10.22 -2.93 -0.20
H9N D6F B . -9.70 -4.30 0.79
H9T D6F B . -9.52 -5.71 -1.00
H43 D6F B . -9.02 -4.41 -2.12
H9S D6F B . -10.74 -4.60 -1.68
H19 D6F B . 0.94 0.53 2.01
H18 D6F B . 2.82 -0.71 3.05
H15 D6F B . 0.58 -2.53 -1.00
H16 D6F B . 2.46 -3.77 0.05
H37 D6F B . 2.63 -4.77 2.58
H36 D6F B . 4.50 -6.02 3.63
H33 D6F B . 5.21 -1.39 1.94
H34 D6F B . 7.10 -2.63 2.98
H9L D6F B . 7.72 -4.45 4.48
H38 D6F B . 6.66 -5.84 4.74
H42 D6F B . 8.59 -6.53 3.41
H9Q D6F B . 8.27 -5.23 2.23
H9R D6F B . 7.12 -6.58 2.40
C41 D6F B . 1.71 9.89 -2.55
C39 D6F B . 1.02 9.02 -3.60
N30 D6F B . 0.79 7.65 -3.07
C31 D6F B . 1.84 6.72 -3.05
C32 D6F B . 1.61 5.44 -2.55
C29 D6F B . -0.47 7.30 -2.58
C28 D6F B . -0.68 6.02 -2.07
C22 D6F B . 0.35 5.09 -2.07
C12 D6F B . 0.14 3.81 -1.56
C13 D6F B . -0.44 3.65 -0.30
C14 D6F B . -0.65 2.36 0.21
C11 D6F B . 0.49 2.69 -2.31
C10 D6F B . 0.28 1.41 -1.80
C4 D6F B . -0.30 1.24 -0.54
N1 D6F B . -0.50 0.03 -0.06
C3 D6F B . -1.73 -0.48 -0.05
C9 D6F B . -2.34 -0.85 1.16
C8 D6F B . -3.63 -1.37 1.16
C5 D6F B . -2.44 -0.64 -1.25
C6 D6F B . -3.72 -1.17 -1.25
C7 D6F B . -4.33 -1.54 -0.04
C20 D6F B . -5.61 -2.07 -0.03
C27 D6F B . -6.65 -1.38 -0.67
C26 D6F B . -7.94 -1.90 -0.66
C23 D6F B . -5.87 -3.27 0.62
C24 D6F B . -7.15 -3.80 0.62
N25 D6F B . -8.19 -3.12 -0.02
C40 D6F B . -9.56 -3.68 -0.01
C43 D6F B . -9.77 -4.58 -1.23
C2 D6F B . 0.51 -0.67 0.47
C19 D6F B . 1.19 -0.17 1.59
C18 D6F B . 2.24 -0.88 2.14
C15 D6F B . 0.90 -1.89 -0.09
C16 D6F B . 1.96 -2.59 0.47
C17 D6F B . 2.63 -2.10 1.59
C21 D6F B . 3.69 -2.81 2.14
C37 D6F B . 3.47 -4.10 2.63
C36 D6F B . 4.53 -4.81 3.18
C33 D6F B . 4.96 -2.24 2.19
C34 D6F B . 6.01 -2.95 2.74
N35 D6F B . 5.81 -4.24 3.25
C38 D6F B . 6.94 -5.00 3.83
C42 D6F B . 7.64 -5.82 2.75
H41 D6F B . 1.47 9.51 -1.55
H9O D6F B . 2.79 9.85 -2.70
H9P D6F B . 1.35 10.92 -2.64
H39 D6F B . 1.65 8.97 -4.49
H9M D6F B . 0.07 9.48 -3.87
H31 D6F B . 2.81 7.00 -3.44
H32 D6F B . 2.43 4.72 -2.54
H29 D6F B . -1.29 8.02 -2.59
H28 D6F B . -1.67 5.74 -1.69
H13 D6F B . -0.71 4.52 0.29
H14 D6F B . -1.11 2.24 1.19
H11 D6F B . 0.94 2.82 -3.29
H10 D6F B . 0.56 0.54 -2.39
H9 D6F B . -1.80 -0.72 2.10
H8 D6F B . -4.09 -1.66 2.11
H5 D6F B . -1.97 -0.36 -2.19
H6 D6F B . -4.27 -1.29 -2.18
H27 D6F B . -6.44 -0.44 -1.18
H26 D6F B . -8.74 -1.37 -1.16
H23 D6F B . -5.05 -3.80 1.11
H24 D6F B . -7.35 -4.75 1.13
H40 D6F B . -10.30 -2.87 -0.05
H9N D6F B . -9.72 -4.27 0.90
H9T D6F B . -10.46 -4.11 -1.91
H43 D6F B . -10.18 -5.54 -0.90
H9S D6F B . -8.81 -4.74 -1.72
H19 D6F B . 0.88 0.78 2.03
H18 D6F B . 2.77 -0.49 3.01
H15 D6F B . 0.37 -2.28 -0.96
H16 D6F B . 2.26 -3.55 0.04
H37 D6F B . 2.48 -4.54 2.59
H36 D6F B . 4.37 -5.83 3.57
H33 D6F B . 5.12 -1.24 1.81
H34 D6F B . 7.01 -2.50 2.79
H9L D6F B . 7.66 -4.32 4.28
H38 D6F B . 6.57 -5.68 4.60
H42 D6F B . 8.56 -5.32 2.45
H9Q D6F B . 6.98 -5.92 1.89
H9R D6F B . 7.88 -6.81 3.14
C41 D6F B . 1.75 9.77 -2.46
C39 D6F B . 1.26 8.84 -3.57
N30 D6F B . 1.03 7.48 -3.04
C31 D6F B . 2.09 6.57 -2.98
C32 D6F B . 1.87 5.28 -2.47
C29 D6F B . -0.24 7.11 -2.59
C28 D6F B . -0.45 5.83 -2.09
C22 D6F B . 0.61 4.92 -2.03
C12 D6F B . 0.38 3.64 -1.52
C13 D6F B . -0.24 3.48 -0.29
C14 D6F B . -0.47 2.19 0.22
C11 D6F B . 0.80 2.52 -2.25
C10 D6F B . 0.57 1.24 -1.74
C4 D6F B . -0.06 1.07 -0.50
N1 D6F B . -0.26 -0.14 -0.02
C3 D6F B . -1.52 -0.59 0.02
C9 D6F B . -2.12 -0.89 1.25
C8 D6F B . -3.43 -1.35 1.29
C5 D6F B . -2.24 -0.76 -1.16
C6 D6F B . -3.55 -1.23 -1.11
C7 D6F B . -4.15 -1.53 0.11
C20 D6F B . -5.46 -1.99 0.16
C27 D6F B . -6.48 -1.28 -0.50
C26 D6F B . -7.78 -1.74 -0.46
C23 D6F B . -5.76 -3.16 0.85
C24 D6F B . -7.07 -3.62 0.90
N25 D6F B . -8.09 -2.91 0.25
C40 D6F B . -9.48 -3.41 0.29
C43 D6F B . -9.75 -4.35 -0.89
C2 D6F B . 0.73 -0.83 0.54
C19 D6F B . 1.40 -0.32 1.64
C18 D6F B . 2.45 -1.04 2.23
C15 D6F B . 1.12 -2.07 0.00
C16 D6F B . 2.16 -2.78 0.58
C17 D6F B . 2.83 -2.27 1.69
C21 D6F B . 3.88 -2.98 2.27
C37 D6F B . 3.65 -4.26 2.79
C36 D6F B . 4.69 -4.97 3.37
C33 D6F B . 5.15 -2.41 2.33
C34 D6F B . 6.20 -3.12 2.91
N35 D6F B . 5.97 -4.41 3.43
C38 D6F B . 7.09 -5.16 4.05
C42 D6F B . 7.73 -6.08 3.01
H41 D6F B . 1.29 9.49 -1.52
H9O D6F B . 1.49 10.81 -2.71
H9P D6F B . 2.84 9.68 -2.37
H39 D6F B . 2.00 8.81 -4.37
H9M D6F B . 0.34 9.25 -3.98
H31 D6F B . 3.08 6.85 -3.32
H32 D6F B . 2.69 4.57 -2.42
H29 D6F B . -1.07 7.82 -2.64
H28 D6F B . -1.44 5.55 -1.73
H13 D6F B . -0.57 4.35 0.28
H14 D6F B . -0.96 2.07 1.19
H11 D6F B . 1.28 2.65 -3.21
H10 D6F B . 0.90 0.37 -2.30
H9 D6F B . -1.55 -0.76 2.17
H8 D6F B . -3.89 -1.59 2.25
H5 D6F B . -1.78 -0.53 -2.12
H6 D6F B . -4.11 -1.36 -2.04
H27 D6F B . -6.23 -0.36 -1.04
H26 D6F B . -8.58 -1.19 -0.96
H23 D6F B . -4.96 -3.71 1.37
H24 D6F B . -7.31 -4.54 1.45
H40 D6F B . -10.18 -2.57 0.24
H9N D6F B . -9.66 -3.96 1.21
H9T D6F B . -8.84 -4.49 -1.45
H43 D6F B . -10.51 -3.90 -1.54
H9S D6F B . -10.11 -5.30 -0.52
H19 D6F B . 1.11 0.64 2.07
H18 D6F B . 2.98 -0.63 3.09
H15 D6F B . 0.60 -2.47 -0.87
H16 D6F B . 2.46 -3.74 0.17
H37 D6F B . 2.65 -4.69 2.74
H36 D6F B . 4.51 -5.96 3.77
H33 D6F B . 5.33 -1.42 1.93
H34 D6F B . 7.20 -2.68 2.96
H9L D6F B . 7.84 -4.47 4.43
H38 D6F B . 6.72 -5.77 4.88
H42 D6F B . 7.76 -5.58 2.05
H9Q D6F B . 7.15 -6.99 2.92
H9R D6F B . 8.75 -6.33 3.33
C41 D6F B . 3.04 9.56 -2.82
C39 D6F B . 2.73 8.60 -3.97
N30 D6F B . 2.38 7.27 -3.43
C31 D6F B . 3.37 6.30 -3.23
C32 D6F B . 3.03 5.05 -2.73
C29 D6F B . 1.04 6.97 -3.14
C28 D6F B . 0.70 5.71 -2.64
C22 D6F B . 1.70 4.75 -2.44
C12 D6F B . 1.37 3.49 -1.94
C13 D6F B . 0.59 3.39 -0.78
C14 D6F B . 0.26 2.13 -0.27
C11 D6F B . 1.80 2.34 -2.59
C10 D6F B . 1.46 1.08 -2.09
C4 D6F B . 0.69 0.98 -0.93
N1 D6F B . 0.37 -0.23 -0.45
C3 D6F B . -0.94 -0.51 -0.42
C9 D6F B . -1.58 -0.72 0.81
C8 D6F B . -2.93 -1.01 0.85
C5 D6F B . -1.67 -0.59 -1.60
C6 D6F B . -3.02 -0.89 -1.57
C7 D6F B . -3.66 -1.10 -0.34
C20 D6F B . -5.02 -1.39 -0.31
C27 D6F B . -5.93 -0.58 -0.98
C26 D6F B . -7.29 -0.87 -0.95
C23 D6F B . -5.48 -2.50 0.41
C24 D6F B . -6.83 -2.79 0.46
N25 D6F B . -7.75 -1.98 -0.23
C40 D6F B . -9.20 -2.29 -0.19
C43 D6F B . -9.54 -3.32 -1.26
C2 D6F B . 1.33 -0.93 0.14
C19 D6F B . 2.00 -0.41 1.26
C18 D6F B . 3.01 -1.15 1.87
C15 D6F B . 1.67 -2.20 -0.34
C16 D6F B . 2.68 -2.93 0.28
C17 D6F B . 3.34 -2.41 1.39
C21 D6F B . 4.36 -3.14 2.01
C37 D6F B . 4.06 -4.39 2.56
C36 D6F B . 5.07 -5.12 3.18
C33 D6F B . 5.64 -2.63 2.08
C34 D6F B . 6.66 -3.36 2.70
N35 D6F B . 6.37 -4.61 3.25
C38 D6F B . 7.44 -5.39 3.91
C42 D6F B . 8.18 -6.24 2.88
H41 D6F B . 2.23 10.29 -2.74
H9O D6F B . 3.12 9.00 -1.89
H9P D6F B . 3.98 10.08 -3.02
H39 D6F B . 3.61 8.53 -4.60
H9M D6F B . 1.90 9.00 -4.56
H31 D6F B . 4.41 6.53 -3.45
H32 D6F B . 3.81 4.30 -2.57
H29 D6F B . 0.26 7.71 -3.30
H28 D6F B . -0.33 5.47 -2.41
H13 D6F B . 0.26 4.29 -0.27
H14 D6F B . -0.35 2.05 0.62
H11 D6F B . 2.40 2.43 -3.50
H10 D6F B . 1.80 0.18 -2.60
H9 D6F B . -1.00 -0.66 1.74
H8 D6F B . -3.42 -1.18 1.80
H5 D6F B . -1.17 -0.43 -2.56
H6 D6F B . -3.59 -0.96 -2.50
H27 D6F B . -5.57 0.28 -1.54
H26 D6F B . -8.00 -0.23 -1.48
H23 D6F B . -4.77 -3.14 0.94
H24 D6F B . -7.19 -3.66 1.01
H40 D6F B . -9.78 -1.39 -0.36
H9N D6F B . -9.46 -2.70 0.79
H9T D6F B . -9.97 -4.21 -0.81
H43 D6F B . -8.64 -3.60 -1.81
H9S D6F B . -10.27 -2.88 -1.96
H19 D6F B . 1.73 0.58 1.64
H18 D6F B . 3.53 -0.74 2.74
H15 D6F B . 1.15 -2.60 -1.21
H16 D6F B . 2.95 -3.91 -0.10
H37 D6F B . 3.05 -4.79 2.50
H36 D6F B . 4.84 -6.10 3.62
H33 D6F B . 5.86 -1.66 1.65
H34 D6F B . 7.67 -2.95 2.75
H9L D6F B . 8.15 -4.71 4.39
H38 D6F B . 7.02 -6.05 4.67
H42 D6F B . 8.27 -7.26 3.25
H9Q D6F B . 9.18 -5.83 2.73
H9R D6F B . 7.64 -6.23 1.94
C41 D6F B . 1.92 9.60 -1.99
C39 D6F B . 1.51 8.71 -3.16
N30 D6F B . 1.31 7.32 -2.70
C31 D6F B . 2.40 6.44 -2.63
C32 D6F B . 2.21 5.13 -2.19
C29 D6F B . 0.03 6.88 -2.34
C28 D6F B . -0.16 5.57 -1.90
C22 D6F B . 0.93 4.69 -1.82
C12 D6F B . 0.73 3.39 -1.40
C13 D6F B . 0.07 3.14 -0.20
C14 D6F B . -0.13 1.83 0.24
C11 D6F B . 1.21 2.31 -2.16
C10 D6F B . 1.02 1.01 -1.71
C4 D6F B . 0.35 0.76 -0.52
N1 D6F B . 0.16 -0.49 -0.10
C3 D6F B . -1.11 -0.89 -0.11
C9 D6F B . -1.77 -1.12 1.09
C8 D6F B . -3.10 -1.53 1.08
C5 D6F B . -1.78 -1.06 -1.33
C6 D6F B . -3.11 -1.47 -1.34
C7 D6F B . -3.78 -1.71 -0.13
C20 D6F B . -5.11 -2.12 -0.14
C27 D6F B . -6.05 -1.41 -0.88
C26 D6F B . -7.38 -1.82 -0.88
C23 D6F B . -5.49 -3.24 0.60
C24 D6F B . -6.82 -3.66 0.59
N25 D6F B . -7.77 -2.95 -0.15
C40 D6F B . -9.18 -3.38 -0.16
C43 D6F B . -9.50 -4.13 -1.45
C2 D6F B . 1.16 -1.18 0.45
C19 D6F B . 1.82 -0.68 1.58
C18 D6F B . 2.87 -1.40 2.16
C15 D6F B . 1.56 -2.40 -0.09
C16 D6F B . 2.60 -3.13 0.49
C17 D6F B . 3.25 -2.62 1.61
C21 D6F B . 4.29 -3.33 2.19
C37 D6F B . 4.06 -4.62 2.68
C36 D6F B . 5.11 -5.34 3.26
C33 D6F B . 5.56 -2.77 2.29
C34 D6F B . 6.60 -3.48 2.86
N35 D6F B . 6.39 -4.78 3.35
C38 D6F B . 7.49 -5.54 3.97
C42 D6F B . 8.36 -6.17 2.88
H41 D6F B . 2.91 10.03 -2.18
H9O D6F B . 1.95 9.01 -1.07
H9P D6F B . 1.19 10.41 -1.88
H39 D6F B . 2.30 8.75 -3.92
H9M D6F B . 0.60 9.10 -3.60
H31 D6F B . 3.40 6.78 -2.91
H32 D6F B . 3.06 4.44 -2.14
H29 D6F B . -0.81 7.57 -2.39
H28 D6F B . -1.15 5.22 -1.62
H13 D6F B . -0.32 3.97 0.40
H14 D6F B . -0.66 1.64 1.18
H11 D6F B . 1.74 2.51 -3.09
H10 D6F B . 1.40 0.17 -2.32
H9 D6F B . -1.25 -0.99 2.03
H8 D6F B . -3.62 -1.72 2.02
H5 D6F B . -1.26 -0.87 -2.26
H6 D6F B . -3.63 -1.62 -2.28
H27 D6F B . -5.74 -0.54 -1.45
H26 D6F B . -8.11 -1.27 -1.47
H23 D6F B . -4.75 -3.80 1.18
H24 D6F B . -7.12 -4.53 1.16
H40 D6F B . -9.84 -2.52 -0.08
H9N D6F B . -9.38 -4.04 0.68
H9T D6F B . -8.58 -4.52 -1.88
H43 D6F B . -9.96 -3.45 -2.17
H9S D6F B . -10.18 -4.96 -1.24
H19 D6F B . 1.52 0.28 2.00
H18 D6F B . 3.37 -1.01 3.04
H15 D6F B . 1.05 -2.80 -0.97
H16 D6F B . 2.90 -4.08 0.07
H37 D6F B . 3.07 -5.06 2.61
H36 D6F B . 4.93 -6.35 3.64
H33 D6F B . 5.74 -1.76 1.90
H34 D6F B . 7.60 -3.04 2.93
H9L D6F B . 8.11 -4.87 4.57
H38 D6F B . 7.10 -6.32 4.61
H42 D6F B . 7.92 -5.98 1.91
H9Q D6F B . 8.42 -7.25 3.05
H9R D6F B . 9.36 -5.74 2.92
C41 D6F B . 2.71 9.86 -2.34
C39 D6F B . 2.48 8.92 -3.53
N30 D6F B . 2.15 7.56 -3.05
C31 D6F B . 3.18 6.61 -2.92
C32 D6F B . 2.87 5.32 -2.47
C29 D6F B . 0.83 7.22 -2.73
C28 D6F B . 0.54 5.94 -2.29
C22 D6F B . 1.56 4.99 -2.15
C12 D6F B . 1.26 3.71 -1.70
C13 D6F B . 0.52 3.54 -0.53
C14 D6F B . 0.22 2.25 -0.07
C11 D6F B . 1.69 2.59 -2.42
C10 D6F B . 1.39 1.31 -1.97
C4 D6F B . 0.65 1.14 -0.79
N1 D6F B . 0.37 -0.09 -0.35
C3 D6F B . -0.93 -0.40 -0.29
C9 D6F B . -1.52 -0.67 0.95
C8 D6F B . -2.87 -0.99 1.03
C5 D6F B . -1.70 -0.45 -1.45
C6 D6F B . -3.06 -0.76 -1.38
C7 D6F B . -3.64 -1.04 -0.14
C20 D6F B . -4.99 -1.35 -0.06
C27 D6F B . -5.94 -0.53 -0.67
C26 D6F B . -7.29 -0.85 -0.60
C23 D6F B . -5.40 -2.50 0.63
C24 D6F B . -6.75 -2.82 0.70
N25 D6F B . -7.70 -1.99 0.09
C40 D6F B . -9.15 -2.33 0.17
C43 D6F B . -9.56 -3.14 -1.05
C2 D6F B . 1.36 -0.79 0.20
C19 D6F B . 2.03 -0.29 1.31
C18 D6F B . 3.06 -1.02 1.90
C15 D6F B . 1.73 -2.02 -0.34
C16 D6F B . 2.76 -2.76 0.24
C17 D6F B . 3.43 -2.26 1.35
C21 D6F B . 4.47 -2.98 1.93
C37 D6F B . 4.22 -4.26 2.45
C36 D6F B . 5.26 -4.98 3.02
C33 D6F B . 5.75 -2.44 2.00
C34 D6F B . 6.79 -3.16 2.57
N35 D6F B . 6.55 -4.44 3.08
C38 D6F B . 7.65 -5.21 3.70
C42 D6F B . 8.39 -6.01 2.63
H41 D6F B . 1.82 10.47 -2.18
H9O D6F B . 3.56 10.51 -2.56
H9P D6F B . 2.92 9.27 -1.45
H39 D6F B . 3.37 8.91 -4.15
H9M D6F B . 1.65 9.32 -4.14
H31 D6F B . 4.20 6.87 -3.17
H32 D6F B . 3.66 4.59 -2.37
H29 D6F B . 0.04 7.96 -2.84
H28 D6F B . -0.49 5.67 -2.03
H13 D6F B . 0.18 4.40 0.04
H14 D6F B . -0.36 2.12 0.84
H11 D6F B . 2.27 2.73 -3.33
H10 D6F B . 1.73 0.44 -2.52
H9 D6F B . -0.91 -0.64 1.86
H8 D6F B . -3.33 -1.21 1.99
H5 D6F B . -1.24 -0.24 -2.42
H6 D6F B . -3.65 -0.80 -2.28
H27 D6F B . -5.61 0.36 -1.21
H26 D6F B . -8.03 -0.20 -1.08
H23 D6F B . -4.67 -3.14 1.11
H24 D6F B . -7.08 -3.71 1.24
H40 D6F B . -9.75 -1.41 0.21
H9N D6F B . -9.35 -2.91 1.06
H9T D6F B . -9.61 -2.49 -1.93
H43 D6F B . -10.55 -3.58 -0.88
H9S D6F B . -8.84 -3.93 -1.24
H19 D6F B . 1.74 0.67 1.74
H18 D6F B . 3.59 -0.63 2.77
H15 D6F B . 1.21 -2.41 -1.21
H16 D6F B . 3.05 -3.72 -0.18
H37 D6F B . 3.22 -4.68 2.38
H36 D6F B . 5.07 -5.98 3.43
H33 D6F B . 5.93 -1.44 1.59
H34 D6F B . 7.79 -2.73 2.62
H9L D6F B . 8.36 -4.54 4.19
H38 D6F B . 7.26 -5.90 4.45
H42 D6F B . 9.33 -5.52 2.39
H9Q D6F B . 8.60 -7.02 3.02
H9R D6F B . 7.78 -6.09 1.74
#